data_4GFK
#
_entry.id   4GFK
#
_cell.length_a   85.870
_cell.length_b   43.200
_cell.length_c   107.700
_cell.angle_alpha   90.00
_cell.angle_beta   96.25
_cell.angle_gamma   90.00
#
_symmetry.space_group_name_H-M   'C 1 2 1'
#
loop_
_entity.id
_entity.type
_entity.pdbx_description
1 polymer 'Nucleoid occlusion factor SlmA'
2 water water
#
_entity_poly.entity_id   1
_entity_poly.type   'polypeptide(L)'
_entity_poly.pdbx_seq_one_letter_code
;MAGNKKINRREEILQALAEMLESNEGASRITTAKLAKQVGVSEAALYRHFPSKTRMFEGLIEFIEESLMSRINRIFDEEK
DTLNRIRLVMQLLLAFAERNPGLTRILSGHALMFENERLRDRINQLFERIETSLRQILRERKLREGKSFPVDENILAAQL
LGQVEGSLNRFVRSDFKYLPTANFDEYWALLSAQIK
;
_entity_poly.pdbx_strand_id   A,B
#
# COMPACT_ATOMS: atom_id res chain seq x y z
N ASN A 8 -0.65 16.31 29.47
CA ASN A 8 0.03 16.60 28.17
C ASN A 8 1.33 15.71 28.19
N ARG A 9 1.58 14.95 29.28
CA ARG A 9 2.84 14.09 29.41
C ARG A 9 3.07 13.03 28.27
N ARG A 10 2.11 12.14 28.13
CA ARG A 10 2.19 11.12 27.10
C ARG A 10 2.38 11.75 25.70
N GLU A 11 1.68 12.84 25.38
CA GLU A 11 1.81 13.44 24.05
C GLU A 11 3.19 14.04 23.77
N GLU A 12 3.77 14.69 24.79
CA GLU A 12 5.10 15.25 24.63
C GLU A 12 6.06 14.17 24.18
N ILE A 13 5.98 13.01 24.80
CA ILE A 13 6.86 11.90 24.45
C ILE A 13 6.57 11.46 22.98
N LEU A 14 5.29 11.30 22.64
CA LEU A 14 4.95 10.83 21.28
C LEU A 14 5.35 11.87 20.22
N GLN A 15 5.25 13.15 20.60
CA GLN A 15 5.63 14.25 19.74
C GLN A 15 7.10 14.11 19.43
N ALA A 16 7.90 13.92 20.47
CA ALA A 16 9.35 13.79 20.33
C ALA A 16 9.65 12.52 19.52
N LEU A 17 8.83 11.49 19.71
CA LEU A 17 9.07 10.27 18.93
C LEU A 17 8.83 10.61 17.43
N ALA A 18 7.68 11.20 17.14
CA ALA A 18 7.38 11.61 15.76
C ALA A 18 8.50 12.44 15.15
N GLU A 19 9.00 13.42 15.90
CA GLU A 19 10.08 14.31 15.44
C GLU A 19 11.34 13.53 15.06
N MET A 20 11.71 12.57 15.90
CA MET A 20 12.89 11.75 15.63
C MET A 20 12.70 10.88 14.38
N LEU A 21 11.48 10.35 14.20
CA LEU A 21 11.20 9.50 13.03
C LEU A 21 11.31 10.29 11.72
N GLU A 22 11.12 11.60 11.80
CA GLU A 22 11.19 12.42 10.60
C GLU A 22 12.62 12.83 10.27
N SER A 23 13.55 12.50 11.16
CA SER A 23 14.94 12.87 10.89
C SER A 23 15.58 11.71 10.15
N ASN A 24 16.67 11.98 9.46
CA ASN A 24 17.35 10.94 8.71
C ASN A 24 18.18 10.07 9.64
N ILE A 30 15.68 4.18 16.43
CA ILE A 30 15.19 4.87 17.65
C ILE A 30 15.21 3.96 18.86
N THR A 31 15.62 4.46 20.02
CA THR A 31 15.61 3.58 21.17
C THR A 31 14.94 4.23 22.31
N THR A 32 14.24 3.45 23.14
CA THR A 32 13.55 4.01 24.32
C THR A 32 14.47 4.94 25.10
N ALA A 33 15.70 4.53 25.31
CA ALA A 33 16.66 5.33 26.05
C ALA A 33 16.95 6.65 25.34
N LYS A 34 17.18 6.57 24.03
CA LYS A 34 17.51 7.76 23.26
C LYS A 34 16.37 8.78 23.29
N LEU A 35 15.13 8.28 23.30
CA LEU A 35 13.94 9.13 23.35
C LEU A 35 13.80 9.76 24.72
N ALA A 36 14.15 8.99 25.75
CA ALA A 36 14.05 9.46 27.13
C ALA A 36 14.95 10.66 27.31
N LYS A 37 16.19 10.54 26.85
CA LYS A 37 17.12 11.65 26.95
C LYS A 37 16.64 12.82 26.09
N GLN A 38 16.04 12.50 24.94
CA GLN A 38 15.54 13.52 24.04
C GLN A 38 14.47 14.40 24.70
N VAL A 39 13.47 13.77 25.32
CA VAL A 39 12.40 14.53 25.97
C VAL A 39 12.90 15.11 27.29
N GLY A 40 13.97 14.52 27.81
CA GLY A 40 14.54 15.02 29.06
C GLY A 40 13.92 14.43 30.30
N VAL A 41 13.94 13.09 30.40
CA VAL A 41 13.39 12.39 31.54
C VAL A 41 14.04 11.01 31.71
N SER A 42 13.91 10.43 32.89
CA SER A 42 14.53 9.14 33.11
C SER A 42 13.84 8.07 32.29
N GLU A 43 14.54 6.95 32.08
CA GLU A 43 13.97 5.86 31.33
C GLU A 43 12.81 5.26 32.11
N ALA A 44 12.87 5.37 33.44
CA ALA A 44 11.78 4.84 34.25
C ALA A 44 10.48 5.62 33.98
N ALA A 45 10.56 6.95 33.92
CA ALA A 45 9.37 7.76 33.66
C ALA A 45 8.81 7.43 32.28
N LEU A 46 9.68 7.17 31.31
CA LEU A 46 9.22 6.84 29.98
C LEU A 46 8.55 5.49 29.99
N TYR A 47 9.17 4.52 30.66
CA TYR A 47 8.61 3.18 30.70
C TYR A 47 7.26 3.09 31.40
N ARG A 48 6.96 4.08 32.23
CA ARG A 48 5.68 4.12 32.96
C ARG A 48 4.57 4.41 31.97
N HIS A 49 4.84 5.22 30.97
CA HIS A 49 3.84 5.53 29.95
C HIS A 49 3.77 4.45 28.90
N PHE A 50 4.95 3.96 28.51
CA PHE A 50 5.07 2.94 27.47
C PHE A 50 6.08 1.89 27.98
N PRO A 51 5.61 0.79 28.59
CA PRO A 51 6.46 -0.27 29.15
C PRO A 51 7.44 -0.91 28.18
N SER A 52 7.27 -0.63 26.89
CA SER A 52 8.17 -1.23 25.90
C SER A 52 8.14 -0.45 24.60
N LYS A 53 9.14 -0.67 23.77
CA LYS A 53 9.23 0.01 22.50
C LYS A 53 8.03 -0.25 21.60
N THR A 54 7.49 -1.46 21.67
CA THR A 54 6.33 -1.82 20.87
C THR A 54 5.12 -1.01 21.34
N ARG A 55 5.02 -0.85 22.66
CA ARG A 55 3.89 -0.11 23.25
C ARG A 55 4.00 1.36 22.88
N MET A 56 5.24 1.82 22.73
CA MET A 56 5.54 3.18 22.37
C MET A 56 5.04 3.48 20.91
N PHE A 57 5.34 2.58 19.97
CA PHE A 57 4.90 2.73 18.58
C PHE A 57 3.38 2.51 18.48
N GLU A 58 2.85 1.64 19.32
CA GLU A 58 1.44 1.43 19.37
C GLU A 58 0.81 2.76 19.83
N GLY A 59 1.40 3.40 20.83
CA GLY A 59 0.88 4.65 21.28
C GLY A 59 0.99 5.73 20.21
N LEU A 60 2.06 5.74 19.43
CA LEU A 60 2.22 6.72 18.35
C LEU A 60 1.04 6.52 17.33
N ILE A 61 0.68 5.28 17.02
CA ILE A 61 -0.39 5.05 16.03
C ILE A 61 -1.68 5.64 16.58
N GLU A 62 -1.94 5.43 17.87
CA GLU A 62 -3.15 5.93 18.48
C GLU A 62 -3.16 7.47 18.45
N PHE A 63 -1.99 8.03 18.73
CA PHE A 63 -1.80 9.49 18.75
C PHE A 63 -2.05 10.01 17.31
N ILE A 64 -1.59 9.29 16.30
CA ILE A 64 -1.84 9.75 14.92
C ILE A 64 -3.35 9.64 14.58
N GLU A 65 -3.96 8.53 14.95
CA GLU A 65 -5.37 8.27 14.67
C GLU A 65 -6.24 9.34 15.33
N GLU A 66 -5.96 9.64 16.59
CA GLU A 66 -6.72 10.67 17.31
C GLU A 66 -6.54 12.06 16.70
N SER A 67 -5.36 12.37 16.22
CA SER A 67 -5.15 13.70 15.65
C SER A 67 -5.89 13.81 14.30
N LEU A 68 -5.83 12.73 13.51
CA LEU A 68 -6.50 12.72 12.20
C LEU A 68 -8.02 12.81 12.35
N MET A 69 -8.60 11.97 13.22
CA MET A 69 -10.07 11.97 13.48
C MET A 69 -10.57 13.35 14.04
N SER A 70 -9.79 13.95 14.93
CA SER A 70 -10.13 15.28 15.41
C SER A 70 -10.24 16.24 14.18
N ARG A 71 -9.31 16.15 13.23
CA ARG A 71 -9.37 17.00 12.03
C ARG A 71 -10.52 16.58 11.10
N ILE A 72 -10.77 15.29 11.02
CA ILE A 72 -11.86 14.83 10.17
C ILE A 72 -13.19 15.36 10.73
N ASN A 73 -13.35 15.29 12.06
CA ASN A 73 -14.57 15.77 12.67
C ASN A 73 -14.74 17.26 12.45
N ARG A 74 -13.64 17.99 12.36
CA ARG A 74 -13.72 19.44 12.14
C ARG A 74 -14.21 19.71 10.73
N ILE A 75 -13.76 18.88 9.77
CA ILE A 75 -14.16 19.01 8.40
C ILE A 75 -15.65 18.68 8.33
N PHE A 76 -16.12 17.80 9.21
CA PHE A 76 -17.54 17.42 9.21
C PHE A 76 -18.39 18.59 9.69
N ASP A 77 -17.87 19.34 10.65
CA ASP A 77 -18.59 20.47 11.17
C ASP A 77 -18.69 21.66 10.21
N GLU A 78 -17.57 21.97 9.57
CA GLU A 78 -17.47 23.10 8.68
C GLU A 78 -17.95 22.85 7.27
N GLU A 79 -17.89 21.60 6.82
CA GLU A 79 -18.30 21.31 5.46
C GLU A 79 -19.59 20.53 5.48
N LYS A 80 -20.58 21.02 4.73
CA LYS A 80 -21.90 20.40 4.66
C LYS A 80 -22.07 19.49 3.44
N ASP A 81 -21.40 19.82 2.35
CA ASP A 81 -21.51 19.03 1.14
C ASP A 81 -20.79 17.68 1.31
N THR A 82 -21.53 16.58 1.22
CA THR A 82 -20.93 15.26 1.39
C THR A 82 -19.83 15.00 0.34
N LEU A 83 -20.00 15.50 -0.88
CA LEU A 83 -18.99 15.31 -1.93
C LEU A 83 -17.70 16.00 -1.57
N ASN A 84 -17.77 17.30 -1.29
CA ASN A 84 -16.53 18.01 -0.93
C ASN A 84 -15.94 17.47 0.41
N ARG A 85 -16.80 16.96 1.27
CA ARG A 85 -16.31 16.43 2.52
C ARG A 85 -15.39 15.21 2.23
N ILE A 86 -15.79 14.32 1.34
CA ILE A 86 -14.94 13.16 0.98
C ILE A 86 -13.65 13.68 0.42
N ARG A 87 -13.74 14.67 -0.47
CA ARG A 87 -12.54 15.27 -1.09
C ARG A 87 -11.54 15.82 -0.05
N LEU A 88 -12.07 16.54 0.93
CA LEU A 88 -11.24 17.11 1.97
C LEU A 88 -10.64 16.04 2.85
N VAL A 89 -11.37 14.97 3.09
CA VAL A 89 -10.81 13.93 3.95
C VAL A 89 -9.65 13.23 3.21
N MET A 90 -9.82 13.06 1.90
CA MET A 90 -8.75 12.44 1.07
C MET A 90 -7.52 13.36 0.97
N GLN A 91 -7.74 14.63 0.69
CA GLN A 91 -6.65 15.59 0.58
C GLN A 91 -5.91 15.68 1.91
N LEU A 92 -6.65 15.64 3.01
CA LEU A 92 -6.03 15.70 4.34
C LEU A 92 -5.09 14.51 4.56
N LEU A 93 -5.55 13.31 4.21
CA LEU A 93 -4.70 12.12 4.36
C LEU A 93 -3.43 12.20 3.49
N LEU A 94 -3.59 12.56 2.23
CA LEU A 94 -2.46 12.64 1.32
C LEU A 94 -1.49 13.78 1.80
N ALA A 95 -2.02 14.90 2.26
CA ALA A 95 -1.16 16.03 2.67
C ALA A 95 -0.40 15.66 3.92
N PHE A 96 -1.05 14.97 4.84
CA PHE A 96 -0.43 14.56 6.08
C PHE A 96 0.75 13.60 5.78
N ALA A 97 0.49 12.65 4.87
CA ALA A 97 1.50 11.66 4.51
C ALA A 97 2.70 12.38 3.92
N GLU A 98 2.37 13.29 3.02
CA GLU A 98 3.39 13.99 2.29
C GLU A 98 4.32 14.76 3.22
N ARG A 99 3.74 15.32 4.29
CA ARG A 99 4.50 16.12 5.23
C ARG A 99 5.17 15.36 6.33
N ASN A 100 4.85 14.07 6.42
CA ASN A 100 5.40 13.24 7.49
C ASN A 100 5.84 11.92 6.82
N PRO A 101 6.89 11.98 6.01
CA PRO A 101 7.38 10.77 5.33
C PRO A 101 7.86 9.69 6.29
N GLY A 102 8.45 10.09 7.40
CA GLY A 102 8.93 9.09 8.33
C GLY A 102 7.78 8.38 8.97
N LEU A 103 6.70 9.10 9.26
CA LEU A 103 5.54 8.44 9.81
C LEU A 103 4.88 7.58 8.70
N THR A 104 4.84 8.07 7.49
CA THR A 104 4.21 7.30 6.41
C THR A 104 4.91 5.96 6.17
N ARG A 105 6.21 5.91 6.39
CA ARG A 105 6.93 4.67 6.22
C ARG A 105 6.47 3.59 7.18
N ILE A 106 6.07 3.99 8.40
CA ILE A 106 5.70 2.94 9.34
C ILE A 106 4.26 2.54 9.02
N LEU A 107 3.47 3.51 8.61
CA LEU A 107 2.11 3.23 8.23
C LEU A 107 1.97 2.40 6.97
N SER A 108 2.91 2.58 6.03
CA SER A 108 2.81 1.93 4.72
C SER A 108 3.39 0.50 4.87
N GLY A 109 4.15 0.25 5.94
CA GLY A 109 4.67 -1.08 6.17
C GLY A 109 6.14 -1.24 5.85
N HIS A 110 6.80 -0.18 5.46
CA HIS A 110 8.22 -0.27 5.11
C HIS A 110 9.16 -0.11 6.30
N ALA A 111 8.62 -0.34 7.50
CA ALA A 111 9.42 -0.25 8.73
C ALA A 111 9.51 -1.64 9.38
N LEU A 112 10.63 -1.89 10.05
CA LEU A 112 10.87 -3.16 10.72
C LEU A 112 9.70 -3.50 11.68
N MET A 113 9.38 -2.52 12.52
CA MET A 113 8.33 -2.65 13.51
C MET A 113 7.02 -3.24 13.00
N PHE A 114 6.73 -3.05 11.71
CA PHE A 114 5.48 -3.54 11.12
C PHE A 114 5.36 -5.06 11.31
N GLU A 115 6.49 -5.71 11.64
CA GLU A 115 6.53 -7.16 11.90
C GLU A 115 5.73 -7.54 13.14
N ASN A 116 5.83 -6.69 14.17
CA ASN A 116 5.14 -6.91 15.43
C ASN A 116 3.63 -6.92 15.15
N GLU A 117 2.95 -7.96 15.63
CA GLU A 117 1.53 -8.13 15.41
C GLU A 117 0.58 -7.08 15.99
N ARG A 118 0.76 -6.70 17.26
CA ARG A 118 -0.13 -5.73 17.90
C ARG A 118 0.02 -4.34 17.27
N LEU A 119 1.20 -4.10 16.73
CA LEU A 119 1.46 -2.83 16.09
C LEU A 119 0.76 -2.88 14.69
N ARG A 120 0.82 -4.04 14.03
CA ARG A 120 0.21 -4.14 12.69
C ARG A 120 -1.37 -3.99 12.79
N ASP A 121 -1.93 -4.71 13.77
CA ASP A 121 -3.31 -4.79 14.21
C ASP A 121 -3.79 -3.33 14.49
N ARG A 122 -2.92 -2.62 15.21
CA ARG A 122 -3.17 -1.21 15.56
C ARG A 122 -3.21 -0.29 14.35
N ILE A 123 -2.32 -0.55 13.38
CA ILE A 123 -2.30 0.26 12.15
C ILE A 123 -3.59 -0.03 11.35
N ASN A 124 -3.95 -1.30 11.33
CA ASN A 124 -5.21 -1.70 10.69
C ASN A 124 -6.42 -0.97 11.26
N GLN A 125 -6.44 -0.81 12.59
CA GLN A 125 -7.52 -0.10 13.25
C GLN A 125 -7.58 1.34 12.77
N LEU A 126 -6.43 1.97 12.59
CA LEU A 126 -6.38 3.35 12.10
C LEU A 126 -6.99 3.41 10.69
N PHE A 127 -6.53 2.56 9.77
CA PHE A 127 -7.13 2.58 8.41
C PHE A 127 -8.64 2.25 8.40
N GLU A 128 -9.09 1.38 9.30
CA GLU A 128 -10.48 0.99 9.35
C GLU A 128 -11.31 2.16 9.87
N ARG A 129 -10.78 2.92 10.81
CA ARG A 129 -11.45 4.11 11.31
C ARG A 129 -11.59 5.16 10.17
N ILE A 130 -10.55 5.34 9.38
CA ILE A 130 -10.62 6.26 8.25
C ILE A 130 -11.65 5.75 7.25
N GLU A 131 -11.57 4.46 6.93
CA GLU A 131 -12.51 3.88 5.98
C GLU A 131 -13.94 4.00 6.51
N THR A 132 -14.14 3.76 7.80
CA THR A 132 -15.48 3.89 8.32
C THR A 132 -16.00 5.30 8.14
N SER A 133 -15.13 6.30 8.29
CA SER A 133 -15.57 7.69 8.19
C SER A 133 -15.99 7.94 6.76
N LEU A 134 -15.24 7.42 5.81
CA LEU A 134 -15.61 7.55 4.39
C LEU A 134 -16.99 6.88 4.10
N ARG A 135 -17.20 5.66 4.62
CA ARG A 135 -18.46 4.98 4.42
C ARG A 135 -19.61 5.78 5.00
N GLN A 136 -19.35 6.42 6.16
CA GLN A 136 -20.37 7.23 6.83
C GLN A 136 -20.82 8.36 5.96
N ILE A 137 -19.88 9.07 5.36
CA ILE A 137 -20.16 10.17 4.47
C ILE A 137 -20.95 9.68 3.26
N LEU A 138 -20.54 8.56 2.68
CA LEU A 138 -21.25 8.01 1.53
C LEU A 138 -22.69 7.62 1.87
N ARG A 139 -22.86 7.01 3.04
CA ARG A 139 -24.17 6.59 3.48
C ARG A 139 -25.07 7.78 3.67
N GLU A 140 -24.54 8.88 4.16
CA GLU A 140 -25.33 10.09 4.35
C GLU A 140 -25.75 10.64 3.01
N ARG A 141 -24.81 10.73 2.06
CA ARG A 141 -25.17 11.21 0.74
C ARG A 141 -26.24 10.31 0.15
N LYS A 142 -26.04 9.00 0.31
CA LYS A 142 -27.05 8.07 -0.20
C LYS A 142 -28.46 8.29 0.39
N LEU A 143 -28.54 8.32 1.71
CA LEU A 143 -29.81 8.38 2.45
C LEU A 143 -30.39 9.76 2.62
N ARG A 144 -29.57 10.78 2.87
CA ARG A 144 -30.14 12.10 2.95
C ARG A 144 -30.34 12.81 1.60
N GLU A 145 -29.47 12.54 0.62
CA GLU A 145 -29.58 13.22 -0.66
C GLU A 145 -30.17 12.40 -1.75
N GLY A 146 -30.39 11.13 -1.44
CA GLY A 146 -31.02 10.22 -2.36
C GLY A 146 -30.12 9.67 -3.45
N LYS A 147 -28.80 9.87 -3.34
CA LYS A 147 -27.87 9.41 -4.35
C LYS A 147 -27.92 7.90 -4.48
N SER A 148 -27.93 7.43 -5.73
CA SER A 148 -27.91 5.99 -6.01
C SER A 148 -26.53 5.69 -6.67
N PHE A 149 -25.70 4.94 -5.97
CA PHE A 149 -24.34 4.62 -6.40
C PHE A 149 -24.46 3.35 -7.29
N PRO A 150 -23.45 3.13 -8.15
CA PRO A 150 -23.51 1.93 -9.01
C PRO A 150 -23.18 0.67 -8.24
N VAL A 151 -22.64 0.85 -7.05
CA VAL A 151 -22.25 -0.28 -6.23
C VAL A 151 -22.48 0.05 -4.77
N ASP A 152 -22.36 -0.95 -3.93
CA ASP A 152 -22.49 -0.75 -2.49
C ASP A 152 -21.47 0.27 -2.04
N GLU A 153 -21.85 1.13 -1.10
CA GLU A 153 -20.96 2.19 -0.60
C GLU A 153 -19.66 1.61 -0.05
N ASN A 154 -19.71 0.40 0.48
CA ASN A 154 -18.49 -0.19 1.02
C ASN A 154 -17.41 -0.38 -0.04
N ILE A 155 -17.86 -0.62 -1.27
CA ILE A 155 -16.90 -0.84 -2.39
C ILE A 155 -16.28 0.53 -2.77
N LEU A 156 -17.13 1.54 -2.82
CA LEU A 156 -16.64 2.91 -3.15
C LEU A 156 -15.69 3.33 -2.08
N ALA A 157 -16.06 3.07 -0.82
CA ALA A 157 -15.15 3.47 0.29
C ALA A 157 -13.82 2.73 0.24
N ALA A 158 -13.84 1.45 -0.10
CA ALA A 158 -12.58 0.72 -0.22
C ALA A 158 -11.67 1.26 -1.37
N GLN A 159 -12.31 1.64 -2.48
CA GLN A 159 -11.51 2.16 -3.55
C GLN A 159 -10.88 3.49 -3.16
N LEU A 160 -11.60 4.30 -2.38
CA LEU A 160 -11.08 5.61 -2.01
C LEU A 160 -9.89 5.39 -1.09
N LEU A 161 -10.04 4.46 -0.16
CA LEU A 161 -9.01 4.13 0.81
C LEU A 161 -7.85 3.48 0.05
N GLY A 162 -8.20 2.69 -0.96
CA GLY A 162 -7.11 2.06 -1.72
C GLY A 162 -6.25 3.09 -2.47
N GLN A 163 -6.89 4.11 -3.04
CA GLN A 163 -6.16 5.15 -3.78
C GLN A 163 -5.20 5.84 -2.81
N VAL A 164 -5.68 6.14 -1.63
CA VAL A 164 -4.76 6.79 -0.65
C VAL A 164 -3.61 5.86 -0.26
N GLU A 165 -3.93 4.64 0.15
CA GLU A 165 -2.87 3.72 0.52
C GLU A 165 -1.89 3.51 -0.63
N GLY A 166 -2.37 3.53 -1.88
CA GLY A 166 -1.46 3.30 -2.98
C GLY A 166 -0.60 4.51 -3.15
N SER A 167 -1.14 5.72 -2.94
CA SER A 167 -0.29 6.93 -3.00
C SER A 167 0.75 6.87 -1.90
N LEU A 168 0.35 6.52 -0.69
CA LEU A 168 1.35 6.45 0.39
C LEU A 168 2.40 5.38 0.11
N ASN A 169 1.96 4.22 -0.38
CA ASN A 169 2.98 3.22 -0.69
C ASN A 169 4.01 3.65 -1.80
N ARG A 170 3.53 4.22 -2.89
CA ARG A 170 4.39 4.64 -3.95
C ARG A 170 5.37 5.74 -3.42
N PHE A 171 4.86 6.63 -2.57
CA PHE A 171 5.63 7.73 -1.98
C PHE A 171 6.86 7.11 -1.25
N VAL A 172 6.64 6.10 -0.42
CA VAL A 172 7.76 5.48 0.30
C VAL A 172 8.68 4.70 -0.66
N ARG A 173 8.07 3.87 -1.48
CA ARG A 173 8.76 3.04 -2.45
C ARG A 173 9.74 3.85 -3.32
N SER A 174 9.33 5.06 -3.71
CA SER A 174 10.10 5.95 -4.56
C SER A 174 11.09 6.76 -3.77
N ASP A 175 11.36 6.32 -2.55
CA ASP A 175 12.26 7.08 -1.71
C ASP A 175 11.75 8.52 -1.59
N PHE A 176 10.43 8.67 -1.39
CA PHE A 176 9.80 9.97 -1.19
C PHE A 176 9.92 10.98 -2.29
N LYS A 177 9.96 10.50 -3.53
CA LYS A 177 10.08 11.35 -4.72
C LYS A 177 8.74 11.51 -5.41
N TYR A 178 7.87 10.51 -5.31
CA TYR A 178 6.56 10.56 -5.96
C TYR A 178 5.53 11.01 -4.90
N LEU A 179 5.18 12.29 -4.96
CA LEU A 179 4.34 12.92 -3.95
C LEU A 179 2.91 12.43 -3.91
N PRO A 180 2.38 12.10 -2.70
CA PRO A 180 1.00 11.62 -2.50
C PRO A 180 -0.04 12.51 -3.12
N THR A 181 0.13 13.83 -3.03
CA THR A 181 -0.84 14.79 -3.59
C THR A 181 -0.72 15.02 -5.13
N ALA A 182 0.31 14.45 -5.76
CA ALA A 182 0.49 14.60 -7.21
C ALA A 182 -0.75 14.08 -7.94
N ASN A 183 -1.24 14.84 -8.90
CA ASN A 183 -2.41 14.49 -9.70
C ASN A 183 -3.68 14.19 -8.94
N PHE A 184 -3.80 14.67 -7.70
CA PHE A 184 -5.01 14.40 -6.94
C PHE A 184 -6.26 15.00 -7.60
N ASP A 185 -6.09 16.18 -8.18
CA ASP A 185 -7.18 16.83 -8.87
C ASP A 185 -7.72 15.93 -9.97
N GLU A 186 -6.83 15.30 -10.73
CA GLU A 186 -7.21 14.40 -11.85
C GLU A 186 -7.85 13.11 -11.30
N TYR A 187 -7.19 12.49 -10.32
CA TYR A 187 -7.77 11.32 -9.67
C TYR A 187 -9.19 11.61 -9.15
N TRP A 188 -9.36 12.74 -8.50
CA TRP A 188 -10.63 13.12 -7.92
C TRP A 188 -11.66 13.36 -8.98
N ALA A 189 -11.24 13.88 -10.14
CA ALA A 189 -12.21 14.09 -11.22
C ALA A 189 -12.83 12.71 -11.59
N LEU A 190 -12.00 11.68 -11.69
CA LEU A 190 -12.58 10.39 -12.07
C LEU A 190 -13.33 9.70 -10.93
N LEU A 191 -12.77 9.74 -9.72
CA LEU A 191 -13.44 9.11 -8.62
C LEU A 191 -14.80 9.78 -8.31
N SER A 192 -14.82 11.11 -8.27
CA SER A 192 -16.04 11.84 -7.90
C SER A 192 -17.20 11.65 -8.88
N ALA A 193 -16.90 11.27 -10.14
CA ALA A 193 -17.96 11.17 -11.17
C ALA A 193 -19.05 10.15 -10.81
N GLN A 194 -18.71 9.18 -10.02
CA GLN A 194 -19.71 8.21 -9.65
C GLN A 194 -20.21 8.45 -8.26
N ILE A 195 -19.65 9.44 -7.55
CA ILE A 195 -20.08 9.76 -6.19
C ILE A 195 -21.12 10.85 -6.27
N LYS A 196 -20.89 11.79 -7.19
CA LYS A 196 -21.77 12.94 -7.46
C LYS A 196 -23.13 12.40 -7.84
N ASN B 8 20.30 -26.18 -11.91
CA ASN B 8 19.03 -25.66 -11.33
C ASN B 8 19.24 -25.42 -9.83
N ARG B 9 20.41 -25.20 -9.30
CA ARG B 9 20.29 -25.19 -7.80
C ARG B 9 19.93 -23.68 -7.63
N ARG B 10 19.88 -22.95 -8.76
CA ARG B 10 19.59 -21.45 -8.75
C ARG B 10 18.00 -21.46 -8.52
N GLU B 11 17.22 -22.20 -9.34
CA GLU B 11 15.77 -22.24 -9.15
C GLU B 11 15.26 -22.82 -7.86
N GLU B 12 15.93 -23.86 -7.32
CA GLU B 12 15.49 -24.46 -6.06
C GLU B 12 15.58 -23.47 -4.90
N ILE B 13 16.65 -22.67 -4.92
CA ILE B 13 16.88 -21.69 -3.86
C ILE B 13 15.76 -20.65 -3.93
N LEU B 14 15.54 -20.08 -5.12
CA LEU B 14 14.49 -19.07 -5.29
C LEU B 14 13.12 -19.70 -4.99
N GLN B 15 12.94 -20.96 -5.35
CA GLN B 15 11.71 -21.68 -5.07
C GLN B 15 11.53 -21.84 -3.56
N ALA B 16 12.58 -22.30 -2.88
CA ALA B 16 12.52 -22.52 -1.44
C ALA B 16 12.32 -21.21 -0.74
N LEU B 17 12.95 -20.17 -1.26
CA LEU B 17 12.82 -18.84 -0.68
C LEU B 17 11.36 -18.39 -0.73
N ALA B 18 10.71 -18.68 -1.85
CA ALA B 18 9.32 -18.26 -2.01
C ALA B 18 8.50 -18.92 -0.89
N GLU B 19 8.73 -20.22 -0.72
CA GLU B 19 8.03 -21.00 0.31
C GLU B 19 8.21 -20.41 1.70
N MET B 20 9.46 -20.19 2.10
CA MET B 20 9.75 -19.61 3.40
C MET B 20 8.97 -18.33 3.67
N LEU B 21 8.86 -17.48 2.63
CA LEU B 21 8.11 -16.22 2.75
C LEU B 21 6.61 -16.54 2.70
N GLU B 22 6.28 -17.63 2.01
CA GLU B 22 4.89 -18.06 1.82
C GLU B 22 4.34 -18.79 3.05
N SER B 23 5.24 -19.35 3.86
CA SER B 23 4.83 -20.06 5.08
C SER B 23 4.50 -19.06 6.18
N ASN B 24 4.21 -19.56 7.37
CA ASN B 24 3.87 -18.69 8.49
C ASN B 24 5.10 -17.96 8.99
N GLU B 25 6.16 -17.95 8.18
CA GLU B 25 7.39 -17.27 8.55
C GLU B 25 7.29 -15.85 8.03
N GLY B 26 6.07 -15.43 7.77
CA GLY B 26 5.85 -14.07 7.30
C GLY B 26 6.18 -13.19 8.48
N ALA B 27 6.11 -13.79 9.67
CA ALA B 27 6.41 -13.09 10.92
C ALA B 27 7.81 -12.51 10.88
N SER B 28 8.81 -13.35 11.16
CA SER B 28 10.21 -12.92 11.19
C SER B 28 10.93 -12.85 9.83
N ARG B 29 12.24 -12.68 9.89
CA ARG B 29 13.08 -12.62 8.70
C ARG B 29 13.66 -14.00 8.43
N ILE B 30 13.92 -14.29 7.17
CA ILE B 30 14.48 -15.58 6.74
C ILE B 30 16.00 -15.54 6.86
N THR B 31 16.59 -16.66 7.28
CA THR B 31 18.04 -16.73 7.41
C THR B 31 18.60 -17.72 6.41
N THR B 32 19.84 -17.52 5.98
CA THR B 32 20.47 -18.42 5.02
C THR B 32 20.52 -19.84 5.59
N ALA B 33 20.65 -19.93 6.92
CA ALA B 33 20.71 -21.22 7.60
C ALA B 33 19.40 -21.99 7.39
N LYS B 34 18.30 -21.36 7.82
CA LYS B 34 16.98 -21.96 7.67
C LYS B 34 16.67 -22.22 6.20
N LEU B 35 17.14 -21.33 5.33
CA LEU B 35 16.90 -21.50 3.92
C LEU B 35 17.75 -22.65 3.41
N ALA B 36 18.92 -22.81 4.01
CA ALA B 36 19.83 -23.88 3.61
C ALA B 36 19.19 -25.23 3.90
N LYS B 37 18.62 -25.36 5.08
CA LYS B 37 17.99 -26.59 5.50
C LYS B 37 16.74 -26.87 4.65
N GLN B 38 15.98 -25.81 4.36
CA GLN B 38 14.77 -25.92 3.56
C GLN B 38 15.09 -26.32 2.13
N VAL B 39 16.35 -26.24 1.75
CA VAL B 39 16.77 -26.62 0.40
C VAL B 39 17.58 -27.91 0.48
N GLY B 40 17.96 -28.29 1.69
CA GLY B 40 18.78 -29.48 1.89
C GLY B 40 20.21 -29.24 1.49
N VAL B 41 20.89 -28.37 2.25
CA VAL B 41 22.29 -28.06 1.98
C VAL B 41 22.85 -27.20 3.11
N SER B 42 24.04 -26.64 2.91
CA SER B 42 24.67 -25.81 3.94
C SER B 42 24.63 -24.33 3.57
N GLU B 43 24.78 -23.46 4.57
CA GLU B 43 24.77 -22.03 4.34
C GLU B 43 25.85 -21.66 3.34
N ALA B 44 27.08 -22.11 3.59
CA ALA B 44 28.21 -21.80 2.70
C ALA B 44 27.94 -22.26 1.27
N ALA B 45 27.22 -23.37 1.12
CA ALA B 45 26.92 -23.89 -0.21
C ALA B 45 25.94 -22.98 -0.94
N LEU B 46 25.07 -22.33 -0.18
CA LEU B 46 24.07 -21.44 -0.76
C LEU B 46 24.73 -20.18 -1.32
N TYR B 47 25.69 -19.67 -0.57
CA TYR B 47 26.42 -18.47 -0.94
C TYR B 47 27.34 -18.68 -2.14
N ARG B 48 27.18 -19.81 -2.81
CA ARG B 48 27.98 -20.09 -3.99
C ARG B 48 27.16 -19.88 -5.24
N HIS B 49 25.87 -19.61 -5.07
CA HIS B 49 24.98 -19.38 -6.17
C HIS B 49 24.47 -17.95 -6.11
N PHE B 50 24.39 -17.42 -4.90
CA PHE B 50 23.93 -16.07 -4.69
C PHE B 50 24.90 -15.45 -3.69
N PRO B 51 25.52 -14.32 -4.07
CA PRO B 51 26.47 -13.68 -3.16
C PRO B 51 25.84 -13.14 -1.90
N SER B 52 24.52 -13.00 -1.91
CA SER B 52 23.81 -12.52 -0.73
C SER B 52 22.31 -12.88 -0.80
N LYS B 53 21.65 -12.77 0.34
CA LYS B 53 20.24 -13.05 0.44
C LYS B 53 19.52 -11.99 -0.42
N THR B 54 20.08 -10.79 -0.46
CA THR B 54 19.50 -9.69 -1.25
C THR B 54 19.49 -10.07 -2.73
N ARG B 55 20.52 -10.74 -3.20
CA ARG B 55 20.54 -11.14 -4.59
C ARG B 55 19.45 -12.19 -4.84
N MET B 56 19.07 -12.93 -3.80
CA MET B 56 18.04 -13.96 -3.90
C MET B 56 16.71 -13.31 -4.06
N PHE B 57 16.46 -12.26 -3.27
CA PHE B 57 15.20 -11.52 -3.38
C PHE B 57 15.08 -10.90 -4.79
N GLU B 58 16.16 -10.32 -5.29
CA GLU B 58 16.18 -9.70 -6.63
C GLU B 58 15.85 -10.74 -7.72
N GLY B 59 16.35 -11.97 -7.56
CA GLY B 59 16.04 -13.03 -8.53
C GLY B 59 14.56 -13.35 -8.49
N LEU B 60 13.99 -13.33 -7.29
CA LEU B 60 12.56 -13.54 -7.08
C LEU B 60 11.75 -12.38 -7.73
N ILE B 61 12.16 -11.12 -7.50
CA ILE B 61 11.43 -10.00 -8.15
C ILE B 61 11.46 -10.24 -9.68
N GLU B 62 12.62 -10.60 -10.19
CA GLU B 62 12.80 -10.89 -11.61
C GLU B 62 11.75 -11.91 -12.10
N PHE B 63 11.57 -12.99 -11.35
CA PHE B 63 10.61 -14.03 -11.66
C PHE B 63 9.18 -13.47 -11.70
N ILE B 64 8.80 -12.71 -10.67
CA ILE B 64 7.49 -12.11 -10.60
C ILE B 64 7.25 -11.23 -11.83
N GLU B 65 8.25 -10.42 -12.17
CA GLU B 65 8.13 -9.54 -13.31
C GLU B 65 7.92 -10.33 -14.60
N GLU B 66 8.70 -11.37 -14.83
CA GLU B 66 8.58 -12.15 -16.06
C GLU B 66 7.19 -12.77 -16.13
N SER B 67 6.73 -13.29 -14.99
CA SER B 67 5.40 -13.89 -14.89
C SER B 67 4.27 -12.93 -15.24
N LEU B 68 4.24 -11.76 -14.59
CA LEU B 68 3.21 -10.77 -14.86
C LEU B 68 3.29 -10.21 -16.32
N MET B 69 4.50 -9.89 -16.80
CA MET B 69 4.65 -9.31 -18.14
C MET B 69 4.16 -10.30 -19.18
N SER B 70 4.44 -11.59 -18.96
CA SER B 70 3.99 -12.62 -19.90
C SER B 70 2.43 -12.72 -19.96
N ARG B 71 1.81 -12.66 -18.78
CA ARG B 71 0.38 -12.72 -18.66
C ARG B 71 -0.22 -11.47 -19.25
N ILE B 72 0.41 -10.31 -19.02
CA ILE B 72 -0.15 -9.10 -19.64
C ILE B 72 -0.01 -9.20 -21.20
N ASN B 73 1.10 -9.75 -21.70
CA ASN B 73 1.27 -9.90 -23.15
C ASN B 73 0.14 -10.68 -23.75
N ARG B 74 -0.28 -11.74 -23.07
CA ARG B 74 -1.37 -12.55 -23.55
C ARG B 74 -2.69 -11.80 -23.53
N ILE B 75 -2.86 -10.88 -22.59
CA ILE B 75 -4.09 -10.11 -22.56
C ILE B 75 -4.15 -9.24 -23.79
N PHE B 76 -3.03 -8.66 -24.19
CA PHE B 76 -3.03 -7.81 -25.37
C PHE B 76 -3.46 -8.59 -26.61
N ASP B 77 -3.04 -9.85 -26.61
CA ASP B 77 -3.27 -10.72 -27.77
C ASP B 77 -4.66 -11.29 -27.81
N GLU B 78 -5.20 -11.58 -26.64
CA GLU B 78 -6.50 -12.20 -26.56
C GLU B 78 -7.69 -11.26 -26.46
N GLU B 79 -7.46 -10.03 -26.01
CA GLU B 79 -8.54 -9.10 -25.87
C GLU B 79 -8.15 -7.83 -26.59
N LYS B 80 -9.07 -7.30 -27.41
CA LYS B 80 -8.83 -6.06 -28.15
C LYS B 80 -9.56 -4.83 -27.65
N ASP B 81 -10.60 -5.02 -26.87
CA ASP B 81 -11.34 -3.87 -26.31
C ASP B 81 -10.48 -3.24 -25.17
N THR B 82 -10.30 -1.92 -25.18
CA THR B 82 -9.51 -1.27 -24.15
C THR B 82 -9.99 -1.55 -22.73
N LEU B 83 -11.29 -1.35 -22.45
CA LEU B 83 -11.78 -1.58 -21.08
C LEU B 83 -11.64 -3.06 -20.68
N ASN B 84 -11.98 -4.00 -21.56
CA ASN B 84 -11.81 -5.39 -21.14
C ASN B 84 -10.35 -5.70 -20.86
N ARG B 85 -9.43 -5.09 -21.65
CA ARG B 85 -7.99 -5.28 -21.37
C ARG B 85 -7.64 -4.73 -19.96
N ILE B 86 -8.10 -3.52 -19.65
CA ILE B 86 -7.84 -2.96 -18.28
C ILE B 86 -8.43 -3.90 -17.23
N ARG B 87 -9.69 -4.33 -17.40
CA ARG B 87 -10.27 -5.25 -16.43
C ARG B 87 -9.40 -6.50 -16.19
N LEU B 88 -8.99 -7.14 -17.28
CA LEU B 88 -8.15 -8.33 -17.12
C LEU B 88 -6.77 -8.09 -16.43
N VAL B 89 -6.14 -6.96 -16.70
CA VAL B 89 -4.81 -6.69 -16.11
C VAL B 89 -5.02 -6.40 -14.62
N MET B 90 -6.03 -5.61 -14.28
CA MET B 90 -6.34 -5.33 -12.86
C MET B 90 -6.66 -6.65 -12.15
N GLN B 91 -7.43 -7.51 -12.82
CA GLN B 91 -7.78 -8.80 -12.21
C GLN B 91 -6.55 -9.69 -12.02
N LEU B 92 -5.70 -9.70 -13.04
CA LEU B 92 -4.48 -10.49 -12.95
C LEU B 92 -3.58 -10.03 -11.77
N LEU B 93 -3.38 -8.72 -11.67
CA LEU B 93 -2.52 -8.21 -10.57
C LEU B 93 -3.05 -8.59 -9.19
N LEU B 94 -4.35 -8.40 -8.97
CA LEU B 94 -4.94 -8.73 -7.66
C LEU B 94 -4.95 -10.23 -7.45
N ALA B 95 -5.28 -11.00 -8.50
CA ALA B 95 -5.28 -12.46 -8.38
C ALA B 95 -3.89 -13.00 -8.05
N PHE B 96 -2.87 -12.46 -8.73
CA PHE B 96 -1.48 -12.86 -8.46
C PHE B 96 -1.11 -12.64 -6.97
N ALA B 97 -1.43 -11.47 -6.43
CA ALA B 97 -1.16 -11.22 -5.03
C ALA B 97 -1.80 -12.28 -4.13
N GLU B 98 -3.09 -12.59 -4.35
CA GLU B 98 -3.78 -13.59 -3.49
C GLU B 98 -3.18 -15.00 -3.63
N ARG B 99 -2.69 -15.33 -4.81
CA ARG B 99 -2.09 -16.63 -5.03
C ARG B 99 -0.66 -16.68 -4.47
N ASN B 100 -0.09 -15.51 -4.14
CA ASN B 100 1.31 -15.45 -3.66
C ASN B 100 1.45 -14.45 -2.51
N PRO B 101 0.80 -14.73 -1.38
CA PRO B 101 0.82 -13.87 -0.20
C PRO B 101 2.21 -13.45 0.26
N GLY B 102 3.16 -14.39 0.29
CA GLY B 102 4.50 -14.04 0.73
C GLY B 102 5.18 -13.10 -0.23
N LEU B 103 5.06 -13.35 -1.53
CA LEU B 103 5.67 -12.49 -2.54
C LEU B 103 5.08 -11.10 -2.46
N THR B 104 3.79 -11.02 -2.13
CA THR B 104 3.12 -9.71 -2.06
C THR B 104 3.69 -8.88 -0.96
N ARG B 105 4.15 -9.51 0.11
CA ARG B 105 4.78 -8.82 1.25
C ARG B 105 6.00 -8.06 0.86
N ILE B 106 6.73 -8.58 -0.12
CA ILE B 106 7.92 -7.92 -0.66
C ILE B 106 7.54 -6.68 -1.44
N LEU B 107 6.63 -6.86 -2.41
CA LEU B 107 6.17 -5.77 -3.23
C LEU B 107 5.43 -4.71 -2.42
N SER B 108 4.79 -5.11 -1.33
CA SER B 108 4.03 -4.14 -0.50
C SER B 108 5.01 -3.37 0.36
N GLY B 109 6.24 -3.84 0.41
CA GLY B 109 7.21 -3.13 1.20
C GLY B 109 7.61 -3.91 2.42
N HIS B 110 8.88 -3.85 2.75
CA HIS B 110 9.38 -4.53 3.91
C HIS B 110 10.70 -3.84 4.19
N ALA B 111 11.05 -3.71 5.47
CA ALA B 111 12.29 -3.07 5.86
C ALA B 111 13.46 -3.74 5.11
N LEU B 112 13.53 -5.07 5.24
CA LEU B 112 14.58 -5.85 4.61
C LEU B 112 14.67 -5.59 3.11
N MET B 113 13.55 -5.23 2.50
CA MET B 113 13.52 -4.99 1.06
C MET B 113 13.98 -3.60 0.65
N PHE B 114 13.32 -2.57 1.18
CA PHE B 114 13.64 -1.22 0.77
C PHE B 114 14.86 -0.54 1.37
N GLU B 115 15.51 -1.18 2.34
CA GLU B 115 16.73 -0.62 2.92
C GLU B 115 17.82 -0.81 1.88
N ASN B 116 17.80 -1.96 1.21
CA ASN B 116 18.77 -2.27 0.16
C ASN B 116 18.36 -1.48 -1.10
N GLU B 117 19.19 -0.51 -1.48
CA GLU B 117 18.92 0.32 -2.65
C GLU B 117 18.78 -0.40 -3.99
N ARG B 118 19.45 -1.54 -4.15
CA ARG B 118 19.37 -2.27 -5.41
C ARG B 118 18.04 -3.01 -5.45
N LEU B 119 17.61 -3.57 -4.32
CA LEU B 119 16.32 -4.24 -4.29
C LEU B 119 15.16 -3.24 -4.41
N ARG B 120 15.31 -2.07 -3.80
CA ARG B 120 14.28 -1.05 -3.89
C ARG B 120 14.13 -0.63 -5.35
N ASP B 121 15.26 -0.28 -5.98
CA ASP B 121 15.21 0.13 -7.40
C ASP B 121 14.60 -0.95 -8.32
N ARG B 122 14.90 -2.19 -7.98
CA ARG B 122 14.45 -3.34 -8.74
C ARG B 122 12.94 -3.49 -8.69
N ILE B 123 12.41 -3.34 -7.47
CA ILE B 123 10.96 -3.41 -7.24
C ILE B 123 10.33 -2.26 -7.99
N ASN B 124 10.98 -1.09 -7.99
CA ASN B 124 10.42 0.06 -8.71
C ASN B 124 10.36 -0.19 -10.20
N GLN B 125 11.37 -0.88 -10.75
CA GLN B 125 11.35 -1.23 -12.18
C GLN B 125 10.16 -2.17 -12.51
N LEU B 126 9.88 -3.12 -11.62
CA LEU B 126 8.75 -4.02 -11.77
C LEU B 126 7.45 -3.16 -11.83
N PHE B 127 7.29 -2.26 -10.88
CA PHE B 127 6.08 -1.43 -10.92
C PHE B 127 6.05 -0.55 -12.19
N GLU B 128 7.21 -0.05 -12.61
CA GLU B 128 7.30 0.78 -13.82
C GLU B 128 6.90 -0.07 -15.06
N ARG B 129 7.31 -1.35 -15.07
CA ARG B 129 6.95 -2.25 -16.18
C ARG B 129 5.43 -2.42 -16.28
N ILE B 130 4.79 -2.61 -15.13
CA ILE B 130 3.34 -2.70 -15.03
C ILE B 130 2.67 -1.42 -15.46
N GLU B 131 3.16 -0.28 -14.97
CA GLU B 131 2.55 1.00 -15.26
C GLU B 131 2.60 1.36 -16.78
N THR B 132 3.70 1.01 -17.40
CA THR B 132 3.96 1.25 -18.81
C THR B 132 3.00 0.39 -19.66
N SER B 133 2.73 -0.82 -19.19
CA SER B 133 1.83 -1.79 -19.87
C SER B 133 0.44 -1.16 -19.84
N LEU B 134 0.06 -0.64 -18.67
CA LEU B 134 -1.25 0.01 -18.49
C LEU B 134 -1.31 1.25 -19.41
N ARG B 135 -0.23 2.01 -19.44
CA ARG B 135 -0.24 3.21 -20.25
C ARG B 135 -0.38 2.83 -21.74
N GLN B 136 0.25 1.73 -22.13
CA GLN B 136 0.18 1.31 -23.56
C GLN B 136 -1.25 0.95 -23.92
N ILE B 137 -1.89 0.20 -23.02
CA ILE B 137 -3.30 -0.20 -23.24
C ILE B 137 -4.21 1.01 -23.39
N LEU B 138 -4.10 1.91 -22.41
CA LEU B 138 -4.92 3.10 -22.47
C LEU B 138 -4.70 3.90 -23.74
N ARG B 139 -3.44 4.07 -24.14
CA ARG B 139 -3.11 4.85 -25.33
C ARG B 139 -3.73 4.37 -26.64
N GLU B 140 -3.89 3.04 -26.80
CA GLU B 140 -4.50 2.54 -28.02
C GLU B 140 -5.98 2.89 -28.14
N ARG B 141 -6.65 3.32 -27.06
CA ARG B 141 -8.08 3.60 -27.19
C ARG B 141 -8.41 4.67 -28.21
N LYS B 142 -7.57 5.69 -28.27
CA LYS B 142 -7.74 6.80 -29.21
C LYS B 142 -7.74 6.30 -30.67
N LEU B 143 -6.81 5.42 -31.01
CA LEU B 143 -6.81 4.91 -32.37
C LEU B 143 -7.85 3.82 -32.61
N ARG B 144 -8.18 3.03 -31.58
CA ARG B 144 -9.18 1.97 -31.78
C ARG B 144 -10.61 2.47 -31.87
N GLU B 145 -11.01 3.35 -30.94
CA GLU B 145 -12.40 3.84 -30.95
C GLU B 145 -12.55 5.33 -31.20
N GLY B 146 -11.45 5.99 -31.46
CA GLY B 146 -11.53 7.41 -31.71
C GLY B 146 -11.74 8.28 -30.49
N LYS B 147 -11.50 7.75 -29.31
CA LYS B 147 -11.69 8.55 -28.10
C LYS B 147 -10.72 8.12 -27.01
N SER B 148 -10.50 9.00 -26.04
CA SER B 148 -9.55 8.68 -24.96
C SER B 148 -10.25 8.55 -23.63
N PHE B 149 -9.71 9.22 -22.60
CA PHE B 149 -10.29 9.13 -21.23
C PHE B 149 -10.50 10.52 -20.62
N PRO B 150 -11.27 10.63 -19.52
CA PRO B 150 -11.52 11.92 -18.87
C PRO B 150 -10.25 12.62 -18.34
N VAL B 151 -9.16 11.87 -18.20
CA VAL B 151 -7.89 12.43 -17.77
C VAL B 151 -6.78 11.86 -18.69
N ASP B 152 -5.61 12.51 -18.69
CA ASP B 152 -4.52 12.06 -19.54
C ASP B 152 -4.20 10.60 -19.24
N GLU B 153 -3.85 9.82 -20.27
CA GLU B 153 -3.54 8.43 -20.10
C GLU B 153 -2.42 8.15 -19.12
N ASN B 154 -1.39 9.01 -19.02
CA ASN B 154 -0.27 8.75 -18.09
C ASN B 154 -0.79 8.86 -16.66
N ILE B 155 -1.66 9.83 -16.44
CA ILE B 155 -2.23 10.02 -15.13
C ILE B 155 -3.12 8.87 -14.79
N LEU B 156 -3.94 8.41 -15.74
CA LEU B 156 -4.85 7.31 -15.44
C LEU B 156 -4.09 6.02 -15.16
N ALA B 157 -3.03 5.75 -15.92
CA ALA B 157 -2.24 4.53 -15.63
C ALA B 157 -1.70 4.54 -14.20
N ALA B 158 -1.25 5.71 -13.77
CA ALA B 158 -0.71 5.81 -12.40
C ALA B 158 -1.82 5.64 -11.36
N GLN B 159 -3.04 6.07 -11.69
CA GLN B 159 -4.18 5.97 -10.77
C GLN B 159 -4.61 4.52 -10.59
N LEU B 160 -4.63 3.79 -11.71
CA LEU B 160 -4.98 2.36 -11.72
C LEU B 160 -3.94 1.59 -10.98
N LEU B 161 -2.67 1.87 -11.24
CA LEU B 161 -1.65 1.16 -10.51
C LEU B 161 -1.78 1.44 -8.98
N GLY B 162 -2.11 2.68 -8.67
CA GLY B 162 -2.26 3.06 -7.27
C GLY B 162 -3.36 2.28 -6.54
N GLN B 163 -4.49 2.02 -7.22
CA GLN B 163 -5.56 1.27 -6.61
C GLN B 163 -5.09 -0.16 -6.40
N VAL B 164 -4.34 -0.70 -7.36
CA VAL B 164 -3.84 -2.06 -7.17
C VAL B 164 -2.87 -2.06 -5.98
N GLU B 165 -1.97 -1.07 -5.92
CA GLU B 165 -1.00 -1.04 -4.82
C GLU B 165 -1.71 -0.85 -3.49
N GLY B 166 -2.77 -0.03 -3.46
CA GLY B 166 -3.54 0.12 -2.22
C GLY B 166 -4.23 -1.19 -1.76
N SER B 167 -4.80 -1.93 -2.70
CA SER B 167 -5.44 -3.19 -2.38
C SER B 167 -4.46 -4.21 -1.89
N LEU B 168 -3.32 -4.30 -2.54
CA LEU B 168 -2.31 -5.24 -2.11
C LEU B 168 -1.77 -4.85 -0.73
N ASN B 169 -1.61 -3.55 -0.46
CA ASN B 169 -1.15 -3.15 0.86
C ASN B 169 -2.14 -3.58 1.94
N ARG B 170 -3.44 -3.36 1.69
CA ARG B 170 -4.46 -3.73 2.63
C ARG B 170 -4.43 -5.27 2.83
N PHE B 171 -4.32 -6.02 1.75
CA PHE B 171 -4.21 -7.49 1.82
C PHE B 171 -3.11 -7.90 2.82
N VAL B 172 -1.89 -7.38 2.64
CA VAL B 172 -0.78 -7.68 3.54
C VAL B 172 -1.00 -7.22 4.99
N ARG B 173 -1.44 -5.98 5.15
CA ARG B 173 -1.71 -5.29 6.43
C ARG B 173 -2.74 -6.06 7.30
N SER B 174 -3.76 -6.57 6.65
CA SER B 174 -4.82 -7.29 7.37
C SER B 174 -4.41 -8.72 7.65
N ASP B 175 -3.15 -9.01 7.42
CA ASP B 175 -2.61 -10.36 7.59
C ASP B 175 -3.34 -11.34 6.65
N PHE B 176 -3.54 -10.86 5.42
CA PHE B 176 -4.16 -11.62 4.33
C PHE B 176 -5.62 -12.00 4.58
N LYS B 177 -6.33 -11.20 5.35
CA LYS B 177 -7.73 -11.48 5.65
C LYS B 177 -8.62 -10.73 4.66
N TYR B 178 -8.11 -9.62 4.12
CA TYR B 178 -8.87 -8.88 3.10
C TYR B 178 -8.47 -9.38 1.67
N LEU B 179 -9.34 -10.09 0.96
CA LEU B 179 -8.95 -10.63 -0.34
C LEU B 179 -9.27 -9.63 -1.47
N PRO B 180 -8.25 -9.14 -2.15
CA PRO B 180 -8.44 -8.17 -3.24
C PRO B 180 -9.50 -8.61 -4.28
N THR B 181 -9.50 -9.89 -4.68
CA THR B 181 -10.49 -10.26 -5.72
C THR B 181 -11.88 -10.53 -5.18
N ALA B 182 -12.04 -10.59 -3.85
CA ALA B 182 -13.35 -10.88 -3.22
C ALA B 182 -14.56 -10.22 -3.89
N ASN B 183 -14.50 -8.90 -4.05
CA ASN B 183 -15.61 -8.22 -4.71
C ASN B 183 -15.17 -7.60 -6.01
N PHE B 184 -14.34 -8.30 -6.76
CA PHE B 184 -13.81 -7.73 -8.00
C PHE B 184 -14.87 -7.36 -8.99
N ASP B 185 -15.92 -8.15 -9.09
CA ASP B 185 -16.96 -7.87 -10.06
C ASP B 185 -17.63 -6.54 -9.76
N GLU B 186 -17.81 -6.24 -8.48
CA GLU B 186 -18.46 -4.96 -8.14
C GLU B 186 -17.47 -3.84 -8.27
N TYR B 187 -16.23 -4.08 -7.85
CA TYR B 187 -15.18 -3.09 -8.06
C TYR B 187 -15.10 -2.73 -9.59
N TRP B 188 -15.18 -3.74 -10.45
CA TRP B 188 -15.10 -3.46 -11.89
C TRP B 188 -16.26 -2.65 -12.38
N ALA B 189 -17.48 -2.93 -11.90
CA ALA B 189 -18.68 -2.18 -12.28
C ALA B 189 -18.46 -0.70 -11.96
N LEU B 190 -17.87 -0.46 -10.79
CA LEU B 190 -17.58 0.93 -10.40
C LEU B 190 -16.43 1.54 -11.27
N LEU B 191 -15.31 0.81 -11.42
CA LEU B 191 -14.18 1.35 -12.21
C LEU B 191 -14.57 1.60 -13.66
N SER B 192 -15.34 0.68 -14.23
CA SER B 192 -15.86 0.84 -15.62
C SER B 192 -16.63 2.12 -15.81
N ALA B 193 -17.53 2.36 -14.89
CA ALA B 193 -18.36 3.55 -14.97
C ALA B 193 -17.53 4.81 -14.87
N GLN B 194 -16.46 4.74 -14.10
CA GLN B 194 -15.58 5.91 -13.95
C GLN B 194 -14.73 6.13 -15.21
N ILE B 195 -14.27 5.07 -15.88
CA ILE B 195 -13.39 5.32 -17.03
C ILE B 195 -13.98 5.09 -18.42
N LYS B 196 -15.22 4.61 -18.45
CA LYS B 196 -15.89 4.33 -19.70
C LYS B 196 -15.91 5.61 -20.58
#